data_8AQ2
#
_entry.id   8AQ2
#
_cell.length_a   78.060
_cell.length_b   116.230
_cell.length_c   73.220
_cell.angle_alpha   90.000
_cell.angle_beta   90.000
_cell.angle_gamma   90.000
#
_symmetry.space_group_name_H-M   'P 21 21 2'
#
loop_
_entity.id
_entity.type
_entity.pdbx_description
1 polymer 'Apolipoprotein N-acyltransferase'
2 non-polymer '(2R)-2,3-dihydroxypropyl (9Z)-octadec-9-enoate'
3 non-polymer ~{N}-tridecylmethanethioamide
4 non-polymer 'CITRATE ANION'
5 non-polymer GLYCEROL
6 water water
#
_entity_poly.entity_id   1
_entity_poly.type   'polypeptide(L)'
_entity_poly.pdbx_seq_one_letter_code
;MGSSHHHHHHSSGLVPRGSHMRWISRPGWPGHLLALAAGALTPLALAPFDYWPLAILSIALLYLGLRGLPGKSALWRGWW
YGFGAFGAGTSWIYVSIHDYGAASVPLASLLMLGFTAGVAFFFALPAWLWARCLRRDNAPLGDALAFAALWLALELFRSW
FLTGFPWLYAGYSQLQGPLAGLVPVGGVWLSSFVIALSAALLVNLPRLFPHGASLLLGLVLLLGPWAAGLYLKGHAWTHS
AGEPLRVVAIQGNIAQELKWDPNQVRAQLDLYRDLSLPQQDVDLIVWPETAVPILQDMASGYLGAMGQVADEKNAALITG
VPVRERLADGKSRYFNGITVVGEGAGTYLKQKLVPFGEYVPLQDLLRGLIAFFDLPMSDFARGPADQPLLKAKGYQIAPY
ICYEVVYPEFAAALAAQSQVLLTVSNDTWFGTSIGPLQHLQMAQMRALESGRWMIRATNNGVTGLIDPYGRIVRQIPQFQ
QGILRGEVIPMQGLTPYLQYRVWPLAGLAGVLLLWALLGRQLRPQERRLFG
;
_entity_poly.pdbx_strand_id   A
#
# COMPACT_ATOMS: atom_id res chain seq x y z
N HIS A 10 -15.61 -5.59 38.78
CA HIS A 10 -16.05 -4.68 37.73
C HIS A 10 -15.04 -3.56 37.52
N SER A 11 -15.10 -2.89 36.37
CA SER A 11 -14.11 -1.89 36.03
C SER A 11 -14.76 -0.69 35.37
N SER A 12 -14.50 0.50 35.92
CA SER A 12 -14.85 1.73 35.22
C SER A 12 -13.81 2.07 34.17
N GLY A 13 -12.54 2.10 34.56
CA GLY A 13 -11.44 2.42 33.66
C GLY A 13 -10.95 3.85 33.74
N LEU A 14 -11.77 4.75 34.27
CA LEU A 14 -11.41 6.16 34.38
C LEU A 14 -10.18 6.33 35.27
N VAL A 15 -9.22 7.12 34.79
CA VAL A 15 -7.96 7.26 35.53
C VAL A 15 -8.20 8.02 36.83
N PRO A 16 -7.49 7.68 37.91
CA PRO A 16 -7.73 8.37 39.18
C PRO A 16 -7.41 9.84 39.08
N ARG A 17 -8.20 10.65 39.78
CA ARG A 17 -8.00 12.09 39.76
C ARG A 17 -6.62 12.45 40.31
N GLY A 18 -6.02 13.49 39.73
CA GLY A 18 -4.68 13.88 40.13
C GLY A 18 -3.56 13.27 39.32
N SER A 19 -3.88 12.38 38.38
CA SER A 19 -2.85 11.73 37.57
C SER A 19 -2.47 12.54 36.34
N HIS A 20 -3.23 13.60 36.02
CA HIS A 20 -3.04 14.44 34.84
C HIS A 20 -3.30 13.69 33.53
N MET A 21 -4.13 12.64 33.57
CA MET A 21 -4.40 11.86 32.37
C MET A 21 -5.86 11.85 31.95
N ARG A 22 -6.74 12.59 32.63
CA ARG A 22 -8.16 12.51 32.30
C ARG A 22 -8.50 13.26 31.02
N TRP A 23 -7.84 14.40 30.78
CA TRP A 23 -8.12 15.19 29.58
C TRP A 23 -7.95 14.38 28.31
N ILE A 24 -7.16 13.30 28.36
CA ILE A 24 -6.92 12.47 27.18
C ILE A 24 -8.20 11.79 26.71
N SER A 25 -8.98 11.26 27.64
CA SER A 25 -10.18 10.48 27.33
C SER A 25 -11.45 11.29 27.43
N ARG A 26 -11.36 12.60 27.64
CA ARG A 26 -12.55 13.38 27.87
C ARG A 26 -12.92 14.20 26.65
N PRO A 27 -14.19 14.58 26.54
CA PRO A 27 -14.60 15.46 25.45
C PRO A 27 -13.90 16.80 25.56
N GLY A 28 -13.64 17.40 24.41
CA GLY A 28 -13.03 18.71 24.35
C GLY A 28 -11.75 18.73 23.53
N TRP A 29 -11.26 19.95 23.33
CA TRP A 29 -10.12 20.16 22.43
C TRP A 29 -8.83 19.48 22.87
N PRO A 30 -8.45 19.43 24.15
CA PRO A 30 -7.18 18.76 24.49
C PRO A 30 -7.11 17.33 23.99
N GLY A 31 -8.18 16.54 24.18
CA GLY A 31 -8.17 15.18 23.70
C GLY A 31 -8.08 15.07 22.19
N HIS A 32 -8.66 16.04 21.48
CA HIS A 32 -8.59 16.06 20.02
C HIS A 32 -7.19 16.42 19.54
N LEU A 33 -6.55 17.39 20.19
CA LEU A 33 -5.21 17.80 19.78
C LEU A 33 -4.19 16.70 20.01
N LEU A 34 -4.34 15.94 21.10
CA LEU A 34 -3.47 14.78 21.29
C LEU A 34 -3.72 13.75 20.19
N ALA A 35 -4.97 13.56 19.80
CA ALA A 35 -5.29 12.62 18.73
C ALA A 35 -4.73 13.09 17.40
N LEU A 36 -4.79 14.39 17.14
CA LEU A 36 -4.19 14.94 15.93
C LEU A 36 -2.70 14.64 15.87
N ALA A 37 -1.98 14.92 16.95
CA ALA A 37 -0.56 14.57 16.99
C ALA A 37 -0.37 13.06 16.91
N ALA A 38 -1.21 12.30 17.62
CA ALA A 38 -1.08 10.84 17.60
C ALA A 38 -1.19 10.30 16.18
N GLY A 39 -2.15 10.79 15.40
CA GLY A 39 -2.26 10.35 14.03
C GLY A 39 -1.03 10.70 13.21
N ALA A 40 -0.44 11.87 13.48
CA ALA A 40 0.72 12.32 12.73
C ALA A 40 1.96 11.48 12.98
N LEU A 41 1.93 10.58 13.97
CA LEU A 41 3.05 9.68 14.20
C LEU A 41 3.15 8.62 13.11
N THR A 42 2.03 8.16 12.58
CA THR A 42 2.04 7.00 11.69
C THR A 42 3.05 7.08 10.54
N PRO A 43 3.22 8.21 9.83
CA PRO A 43 4.30 8.24 8.82
C PRO A 43 5.67 8.01 9.41
N LEU A 44 5.87 8.44 10.67
CA LEU A 44 7.17 8.23 11.31
C LEU A 44 7.50 6.75 11.36
N ALA A 45 6.50 5.93 11.66
CA ALA A 45 6.78 4.52 11.77
C ALA A 45 6.96 3.85 10.42
N LEU A 46 6.69 4.54 9.33
CA LEU A 46 6.81 3.98 7.99
C LEU A 46 8.08 4.50 7.32
N ALA A 47 8.38 3.94 6.16
CA ALA A 47 9.59 4.33 5.46
C ALA A 47 9.50 5.79 5.03
N PRO A 48 10.58 6.56 5.17
CA PRO A 48 11.95 6.13 5.43
C PRO A 48 12.39 6.20 6.87
N PHE A 49 11.62 6.86 7.73
CA PHE A 49 12.05 6.98 9.11
C PHE A 49 12.09 5.62 9.79
N ASP A 50 11.02 4.85 9.62
CA ASP A 50 10.88 3.47 10.10
C ASP A 50 11.03 3.26 11.61
N TYR A 51 10.51 4.17 12.44
CA TYR A 51 10.53 3.93 13.87
C TYR A 51 9.28 3.15 14.24
N TRP A 52 9.33 1.84 13.99
CA TRP A 52 8.12 1.03 14.08
C TRP A 52 7.42 1.02 15.44
N PRO A 53 8.08 1.22 16.59
CA PRO A 53 7.31 1.29 17.85
C PRO A 53 6.38 2.49 17.90
N LEU A 54 6.59 3.50 17.06
CA LEU A 54 5.66 4.63 17.03
C LEU A 54 4.27 4.20 16.60
N ALA A 55 4.18 3.16 15.77
CA ALA A 55 2.89 2.66 15.34
C ALA A 55 2.03 2.22 16.53
N ILE A 56 2.65 1.53 17.49
CA ILE A 56 1.93 1.10 18.68
C ILE A 56 1.50 2.30 19.51
N LEU A 57 2.40 3.25 19.71
CA LEU A 57 2.06 4.44 20.51
C LEU A 57 0.91 5.21 19.88
N SER A 58 0.97 5.44 18.57
CA SER A 58 -0.09 6.14 17.87
C SER A 58 -1.45 5.50 18.13
N ILE A 59 -1.55 4.19 17.90
CA ILE A 59 -2.82 3.50 18.09
C ILE A 59 -3.20 3.47 19.57
N ALA A 60 -2.23 3.25 20.46
CA ALA A 60 -2.53 3.24 21.89
C ALA A 60 -3.11 4.57 22.33
N LEU A 61 -2.55 5.68 21.85
CA LEU A 61 -3.08 6.99 22.19
C LEU A 61 -4.52 7.15 21.71
N LEU A 62 -4.81 6.71 20.48
CA LEU A 62 -6.17 6.84 19.97
C LEU A 62 -7.14 5.99 20.79
N TYR A 63 -6.75 4.75 21.06
CA TYR A 63 -7.60 3.86 21.84
C TYR A 63 -7.91 4.45 23.21
N LEU A 64 -6.89 5.01 23.87
CA LEU A 64 -7.11 5.63 25.16
C LEU A 64 -8.03 6.83 25.05
N GLY A 65 -7.84 7.66 24.02
CA GLY A 65 -8.65 8.85 23.86
C GLY A 65 -10.11 8.59 23.56
N LEU A 66 -10.48 7.35 23.25
CA LEU A 66 -11.87 7.01 22.97
C LEU A 66 -12.58 6.36 24.15
N ARG A 67 -11.91 6.22 25.31
CA ARG A 67 -12.40 5.32 26.35
C ARG A 67 -13.75 5.77 26.90
N GLY A 68 -13.85 6.99 27.39
CA GLY A 68 -15.14 7.38 27.91
C GLY A 68 -16.05 8.09 26.94
N LEU A 69 -15.61 8.26 25.70
CA LEU A 69 -16.12 9.28 24.80
C LEU A 69 -17.50 8.92 24.24
N PRO A 70 -18.41 9.89 24.14
CA PRO A 70 -19.67 9.68 23.43
C PRO A 70 -19.48 9.69 21.92
N GLY A 71 -20.53 9.25 21.23
CA GLY A 71 -20.43 8.98 19.79
C GLY A 71 -20.09 10.21 18.96
N LYS A 72 -20.72 11.35 19.26
CA LYS A 72 -20.52 12.54 18.45
C LYS A 72 -19.09 13.07 18.59
N SER A 73 -18.58 13.12 19.82
CA SER A 73 -17.21 13.59 20.01
C SER A 73 -16.19 12.53 19.63
N ALA A 74 -16.56 11.24 19.71
CA ALA A 74 -15.69 10.18 19.24
C ALA A 74 -15.48 10.26 17.73
N LEU A 75 -16.56 10.54 17.00
CA LEU A 75 -16.46 10.72 15.55
C LEU A 75 -15.45 11.80 15.21
N TRP A 76 -15.56 12.96 15.84
CA TRP A 76 -14.66 14.07 15.53
C TRP A 76 -13.25 13.80 16.04
N ARG A 77 -13.11 13.11 17.17
CA ARG A 77 -11.77 12.75 17.61
C ARG A 77 -11.11 11.77 16.65
N GLY A 78 -11.90 10.89 16.04
CA GLY A 78 -11.36 10.04 15.00
C GLY A 78 -11.00 10.82 13.75
N TRP A 79 -11.78 11.85 13.43
CA TRP A 79 -11.45 12.71 12.30
C TRP A 79 -10.13 13.43 12.52
N TRP A 80 -9.90 13.91 13.75
CA TRP A 80 -8.65 14.62 14.03
C TRP A 80 -7.45 13.68 13.95
N TYR A 81 -7.61 12.45 14.43
CA TYR A 81 -6.53 11.48 14.28
C TYR A 81 -6.21 11.25 12.81
N GLY A 82 -7.24 10.91 12.02
CA GLY A 82 -7.03 10.69 10.59
C GLY A 82 -6.48 11.91 9.88
N PHE A 83 -6.88 13.10 10.31
CA PHE A 83 -6.35 14.32 9.71
C PHE A 83 -4.86 14.44 9.96
N GLY A 84 -4.39 14.01 11.13
CA GLY A 84 -2.96 14.04 11.40
C GLY A 84 -2.21 12.97 10.63
N ALA A 85 -2.81 11.79 10.47
CA ALA A 85 -2.14 10.71 9.74
C ALA A 85 -1.93 11.09 8.28
N PHE A 86 -3.00 11.52 7.61
CA PHE A 86 -2.90 11.87 6.19
C PHE A 86 -2.33 13.27 5.97
N GLY A 87 -2.66 14.22 6.85
CA GLY A 87 -2.06 15.53 6.75
C GLY A 87 -0.56 15.50 6.88
N ALA A 88 -0.03 14.49 7.58
CA ALA A 88 1.41 14.32 7.69
C ALA A 88 1.95 13.18 6.82
N GLY A 89 1.14 12.14 6.58
CA GLY A 89 1.61 10.96 5.89
C GLY A 89 1.50 10.97 4.38
N THR A 90 0.41 11.53 3.86
CA THR A 90 0.18 11.60 2.43
C THR A 90 0.11 13.02 1.91
N SER A 91 0.46 14.02 2.72
CA SER A 91 0.48 15.38 2.22
C SER A 91 1.43 15.56 1.05
N TRP A 92 2.35 14.61 0.85
CA TRP A 92 3.32 14.73 -0.23
C TRP A 92 2.67 14.67 -1.61
N ILE A 93 1.42 14.22 -1.71
CA ILE A 93 0.68 14.24 -2.97
C ILE A 93 0.64 15.65 -3.55
N TYR A 94 0.83 16.65 -2.70
CA TYR A 94 0.85 18.04 -3.13
C TYR A 94 1.92 18.30 -4.18
N VAL A 95 3.04 17.57 -4.12
CA VAL A 95 4.16 17.82 -5.03
C VAL A 95 3.75 17.59 -6.48
N SER A 96 3.04 16.50 -6.75
CA SER A 96 2.62 16.23 -8.13
C SER A 96 1.69 17.32 -8.64
N ILE A 97 0.75 17.76 -7.80
CA ILE A 97 -0.23 18.76 -8.23
C ILE A 97 0.44 20.11 -8.47
N HIS A 98 1.41 20.47 -7.63
CA HIS A 98 2.06 21.76 -7.78
C HIS A 98 3.11 21.73 -8.90
N ASP A 99 4.05 20.78 -8.82
CA ASP A 99 5.20 20.82 -9.72
C ASP A 99 4.82 20.39 -11.12
N TYR A 100 4.05 19.32 -11.26
CA TYR A 100 3.71 18.80 -12.59
C TYR A 100 2.28 19.14 -13.02
N GLY A 101 1.37 19.35 -12.08
CA GLY A 101 0.07 19.86 -12.46
C GLY A 101 0.03 21.35 -12.74
N ALA A 102 1.09 22.07 -12.39
CA ALA A 102 1.28 23.50 -12.63
C ALA A 102 0.36 24.38 -11.78
N ALA A 103 -0.39 23.79 -10.85
CA ALA A 103 -1.24 24.59 -9.97
C ALA A 103 -0.40 25.43 -9.01
N SER A 104 -0.89 26.62 -8.71
CA SER A 104 -0.23 27.49 -7.74
C SER A 104 -0.27 26.86 -6.35
N VAL A 105 0.61 27.35 -5.47
CA VAL A 105 0.64 26.84 -4.09
C VAL A 105 -0.67 27.11 -3.35
N PRO A 106 -1.35 28.27 -3.49
CA PRO A 106 -2.64 28.38 -2.81
C PRO A 106 -3.65 27.40 -3.34
N LEU A 107 -3.67 27.21 -4.64
CA LEU A 107 -4.57 26.28 -5.22
C LEU A 107 -4.26 24.88 -4.78
N ALA A 108 -3.03 24.46 -4.95
CA ALA A 108 -2.65 23.09 -4.59
C ALA A 108 -2.82 22.85 -3.09
N SER A 109 -2.62 23.88 -2.26
CA SER A 109 -2.86 23.71 -0.83
C SER A 109 -4.34 23.45 -0.54
N LEU A 110 -5.23 24.16 -1.21
CA LEU A 110 -6.66 24.00 -0.97
C LEU A 110 -7.13 22.61 -1.40
N LEU A 111 -6.53 22.10 -2.46
CA LEU A 111 -6.88 20.78 -2.95
C LEU A 111 -6.42 19.74 -1.96
N MET A 112 -5.19 19.83 -1.51
CA MET A 112 -4.70 18.86 -0.55
C MET A 112 -5.38 19.02 0.79
N LEU A 113 -5.71 20.25 1.18
CA LEU A 113 -6.48 20.47 2.39
C LEU A 113 -7.83 19.76 2.30
N GLY A 114 -8.56 19.97 1.20
CA GLY A 114 -9.80 19.26 1.00
C GLY A 114 -9.62 17.75 1.01
N PHE A 115 -8.58 17.26 0.33
CA PHE A 115 -8.39 15.82 0.18
C PHE A 115 -8.17 15.15 1.53
N THR A 116 -7.19 15.63 2.31
CA THR A 116 -6.89 15.01 3.59
C THR A 116 -8.02 15.19 4.59
N ALA A 117 -8.77 16.30 4.51
CA ALA A 117 -9.93 16.42 5.39
C ALA A 117 -11.00 15.41 5.02
N GLY A 118 -11.15 15.12 3.72
CA GLY A 118 -12.12 14.10 3.34
C GLY A 118 -11.63 12.70 3.66
N VAL A 119 -10.38 12.40 3.30
CA VAL A 119 -9.79 11.11 3.58
C VAL A 119 -9.70 10.85 5.08
N ALA A 120 -9.66 11.90 5.90
CA ALA A 120 -9.61 11.72 7.35
C ALA A 120 -10.87 11.05 7.90
N PHE A 121 -11.95 10.98 7.13
CA PHE A 121 -13.13 10.27 7.61
C PHE A 121 -12.95 8.75 7.57
N PHE A 122 -11.86 8.25 7.00
CA PHE A 122 -11.57 6.82 7.11
C PHE A 122 -11.25 6.43 8.54
N PHE A 123 -10.86 7.39 9.40
CA PHE A 123 -10.68 7.11 10.81
C PHE A 123 -11.81 7.65 11.68
N ALA A 124 -12.53 8.67 11.20
CA ALA A 124 -13.65 9.20 11.97
C ALA A 124 -14.78 8.19 12.08
N LEU A 125 -15.21 7.62 10.95
CA LEU A 125 -16.31 6.65 10.96
C LEU A 125 -16.06 5.47 11.90
N PRO A 126 -14.93 4.76 11.85
CA PRO A 126 -14.76 3.63 12.78
C PRO A 126 -14.76 4.07 14.24
N ALA A 127 -14.18 5.23 14.54
CA ALA A 127 -14.20 5.75 15.90
C ALA A 127 -15.62 5.90 16.39
N TRP A 128 -16.47 6.57 15.59
CA TRP A 128 -17.88 6.69 15.92
C TRP A 128 -18.52 5.32 16.10
N LEU A 129 -18.19 4.36 15.24
CA LEU A 129 -18.75 3.02 15.37
C LEU A 129 -18.29 2.36 16.65
N TRP A 130 -17.03 2.57 17.02
CA TRP A 130 -16.48 2.00 18.24
C TRP A 130 -17.23 2.52 19.45
N ALA A 131 -17.45 3.83 19.51
CA ALA A 131 -18.07 4.43 20.68
C ALA A 131 -19.51 3.99 20.83
N ARG A 132 -20.30 4.11 19.76
CA ARG A 132 -21.73 3.90 19.87
C ARG A 132 -22.09 2.44 20.12
N CYS A 133 -21.39 1.50 19.48
CA CYS A 133 -21.86 0.14 19.39
C CYS A 133 -20.88 -0.93 19.87
N LEU A 134 -19.58 -0.65 19.92
CA LEU A 134 -18.61 -1.73 20.09
C LEU A 134 -17.81 -1.66 21.38
N ARG A 135 -17.47 -0.46 21.85
CA ARG A 135 -16.53 -0.33 22.96
C ARG A 135 -17.12 -0.88 24.25
N ARG A 136 -16.34 -1.70 24.96
CA ARG A 136 -16.69 -2.23 26.28
C ARG A 136 -15.61 -1.82 27.27
N ASP A 137 -15.84 -0.72 27.99
CA ASP A 137 -14.84 -0.14 28.87
C ASP A 137 -14.55 -1.01 30.08
N ASN A 138 -15.50 -1.85 30.49
CA ASN A 138 -15.39 -2.64 31.72
C ASN A 138 -14.74 -4.00 31.50
N ALA A 139 -14.42 -4.36 30.25
CA ALA A 139 -13.79 -5.64 29.93
C ALA A 139 -12.47 -5.37 29.22
N PRO A 140 -11.35 -5.33 29.94
CA PRO A 140 -10.08 -4.97 29.30
C PRO A 140 -9.63 -5.95 28.22
N LEU A 141 -9.73 -7.25 28.46
CA LEU A 141 -9.24 -8.23 27.48
C LEU A 141 -10.12 -8.27 26.24
N GLY A 142 -11.44 -8.29 26.41
CA GLY A 142 -12.33 -8.26 25.27
C GLY A 142 -12.22 -6.98 24.47
N ASP A 143 -11.99 -5.85 25.17
CA ASP A 143 -11.91 -4.58 24.48
C ASP A 143 -10.69 -4.53 23.56
N ALA A 144 -9.57 -5.09 24.02
CA ALA A 144 -8.36 -5.10 23.21
C ALA A 144 -8.55 -5.93 21.93
N LEU A 145 -9.09 -7.15 22.09
CA LEU A 145 -9.41 -7.97 20.92
C LEU A 145 -10.41 -7.26 20.01
N ALA A 146 -11.45 -6.65 20.58
CA ALA A 146 -12.45 -5.98 19.76
C ALA A 146 -11.84 -4.81 19.01
N PHE A 147 -10.90 -4.11 19.64
CA PHE A 147 -10.29 -2.98 18.97
C PHE A 147 -9.36 -3.43 17.85
N ALA A 148 -8.55 -4.45 18.11
CA ALA A 148 -7.70 -5.01 17.06
C ALA A 148 -8.55 -5.47 15.88
N ALA A 149 -9.63 -6.20 16.15
CA ALA A 149 -10.50 -6.64 15.08
C ALA A 149 -11.22 -5.48 14.42
N LEU A 150 -11.39 -4.36 15.12
CA LEU A 150 -11.92 -3.17 14.49
C LEU A 150 -10.88 -2.54 13.57
N TRP A 151 -9.61 -2.65 13.92
CA TRP A 151 -8.56 -2.04 13.12
C TRP A 151 -8.44 -2.72 11.77
N LEU A 152 -8.61 -4.05 11.74
CA LEU A 152 -8.62 -4.79 10.48
C LEU A 152 -9.77 -4.34 9.59
N ALA A 153 -11.00 -4.38 10.11
CA ALA A 153 -12.15 -3.89 9.35
C ALA A 153 -11.89 -2.49 8.81
N LEU A 154 -11.23 -1.68 9.58
CA LEU A 154 -10.92 -0.31 9.22
C LEU A 154 -10.01 -0.19 8.03
N GLU A 155 -8.95 -0.97 8.01
CA GLU A 155 -8.03 -0.96 6.87
C GLU A 155 -8.63 -1.70 5.68
N LEU A 156 -9.32 -2.82 5.93
CA LEU A 156 -10.00 -3.53 4.84
C LEU A 156 -10.98 -2.62 4.14
N PHE A 157 -11.74 -1.85 4.93
CA PHE A 157 -12.68 -0.91 4.35
C PHE A 157 -11.95 0.12 3.50
N ARG A 158 -10.78 0.56 3.97
CA ARG A 158 -10.04 1.59 3.27
C ARG A 158 -9.52 1.09 1.92
N SER A 159 -9.23 -0.21 1.80
CA SER A 159 -8.81 -0.74 0.52
C SER A 159 -9.94 -0.73 -0.49
N TRP A 160 -11.18 -0.81 -0.04
CA TRP A 160 -12.33 -1.02 -0.92
C TRP A 160 -13.10 0.25 -1.28
N PHE A 161 -13.38 1.13 -0.32
CA PHE A 161 -14.35 2.21 -0.49
C PHE A 161 -13.94 3.23 -1.55
N LEU A 162 -14.94 3.68 -2.32
CA LEU A 162 -14.76 4.54 -3.49
C LEU A 162 -13.74 3.83 -4.35
N THR A 163 -12.52 4.32 -4.51
CA THR A 163 -11.58 3.48 -5.23
C THR A 163 -10.64 2.74 -4.29
N GLY A 164 -10.62 3.15 -3.04
CA GLY A 164 -9.69 2.68 -2.04
C GLY A 164 -8.53 3.63 -1.95
N PHE A 165 -7.97 3.72 -0.76
CA PHE A 165 -6.75 4.49 -0.55
C PHE A 165 -5.93 3.74 0.46
N PRO A 166 -5.42 2.58 0.09
CA PRO A 166 -4.73 1.74 1.07
C PRO A 166 -3.34 2.26 1.42
N TRP A 167 -3.27 3.51 1.86
CA TRP A 167 -2.01 4.11 2.26
C TRP A 167 -1.92 4.17 3.79
N LEU A 168 -0.69 4.05 4.29
CA LEU A 168 -0.36 4.18 5.71
C LEU A 168 -0.95 3.06 6.57
N TYR A 169 -1.12 1.87 6.03
CA TYR A 169 -1.47 0.73 6.89
C TYR A 169 -0.38 0.55 7.94
N ALA A 170 -0.79 0.39 9.20
CA ALA A 170 0.19 0.27 10.28
C ALA A 170 1.08 -0.96 10.12
N GLY A 171 0.60 -1.98 9.41
CA GLY A 171 1.37 -3.20 9.29
C GLY A 171 2.67 -3.05 8.54
N TYR A 172 2.77 -2.06 7.65
CA TYR A 172 3.98 -1.90 6.85
C TYR A 172 5.19 -1.52 7.69
N SER A 173 4.98 -1.03 8.92
CA SER A 173 6.10 -0.70 9.80
C SER A 173 6.88 -1.92 10.25
N GLN A 174 6.34 -3.12 10.06
CA GLN A 174 6.99 -4.35 10.50
C GLN A 174 7.67 -5.11 9.36
N LEU A 175 7.93 -4.43 8.24
CA LEU A 175 8.58 -5.10 7.11
C LEU A 175 9.94 -5.63 7.50
N GLN A 176 10.78 -4.79 8.10
CA GLN A 176 12.00 -5.23 8.74
C GLN A 176 11.85 -5.30 10.24
N GLY A 177 10.63 -5.19 10.76
CA GLY A 177 10.39 -5.26 12.16
C GLY A 177 10.25 -6.69 12.64
N PRO A 178 10.19 -6.85 13.96
CA PRO A 178 10.12 -8.21 14.53
C PRO A 178 8.91 -9.01 14.09
N LEU A 179 7.85 -8.36 13.63
CA LEU A 179 6.65 -9.05 13.16
C LEU A 179 6.74 -9.48 11.70
N ALA A 180 7.90 -9.32 11.06
CA ALA A 180 8.02 -9.70 9.65
C ALA A 180 7.75 -11.19 9.43
N GLY A 181 7.85 -12.01 10.48
CA GLY A 181 7.54 -13.43 10.33
C GLY A 181 6.07 -13.71 10.11
N LEU A 182 5.20 -12.82 10.61
CA LEU A 182 3.76 -13.02 10.48
C LEU A 182 3.23 -12.58 9.12
N VAL A 183 3.98 -11.74 8.40
CA VAL A 183 3.49 -11.22 7.12
C VAL A 183 3.27 -12.30 6.08
N PRO A 184 4.15 -13.29 5.91
CA PRO A 184 3.83 -14.38 4.96
C PRO A 184 2.67 -15.24 5.44
N VAL A 185 2.35 -15.18 6.73
CA VAL A 185 1.27 -15.99 7.28
C VAL A 185 -0.08 -15.32 7.05
N GLY A 186 -0.20 -14.05 7.37
CA GLY A 186 -1.50 -13.39 7.27
C GLY A 186 -1.48 -12.06 6.54
N GLY A 187 -0.36 -11.72 5.92
CA GLY A 187 -0.26 -10.49 5.15
C GLY A 187 -0.06 -9.27 6.02
N VAL A 188 -0.05 -8.12 5.35
CA VAL A 188 0.00 -6.84 6.04
C VAL A 188 -1.16 -6.71 7.02
N TRP A 189 -2.25 -7.44 6.76
CA TRP A 189 -3.44 -7.37 7.60
C TRP A 189 -3.15 -7.91 8.99
N LEU A 190 -2.56 -9.10 9.08
CA LEU A 190 -2.23 -9.66 10.40
C LEU A 190 -1.23 -8.78 11.13
N SER A 191 -0.34 -8.12 10.40
CA SER A 191 0.64 -7.24 11.03
C SER A 191 -0.05 -6.04 11.68
N SER A 192 -0.98 -5.41 10.95
CA SER A 192 -1.75 -4.33 11.55
C SER A 192 -2.57 -4.81 12.74
N PHE A 193 -3.16 -6.00 12.60
CA PHE A 193 -4.00 -6.55 13.67
C PHE A 193 -3.22 -6.67 14.97
N VAL A 194 -2.01 -7.24 14.91
CA VAL A 194 -1.24 -7.46 16.11
C VAL A 194 -0.74 -6.15 16.70
N ILE A 195 -0.45 -5.15 15.86
CA ILE A 195 0.00 -3.86 16.38
C ILE A 195 -1.12 -3.20 17.17
N ALA A 196 -2.34 -3.25 16.64
CA ALA A 196 -3.48 -2.69 17.36
C ALA A 196 -3.79 -3.49 18.61
N LEU A 197 -3.79 -4.83 18.50
CA LEU A 197 -4.06 -5.68 19.66
C LEU A 197 -3.08 -5.38 20.79
N SER A 198 -1.80 -5.33 20.47
CA SER A 198 -0.80 -4.97 21.47
C SER A 198 -1.13 -3.61 22.07
N ALA A 199 -1.31 -2.60 21.22
CA ALA A 199 -1.51 -1.22 21.69
C ALA A 199 -2.63 -1.13 22.73
N ALA A 200 -3.74 -1.83 22.51
CA ALA A 200 -4.83 -1.79 23.46
C ALA A 200 -4.52 -2.57 24.72
N LEU A 201 -3.73 -3.64 24.60
CA LEU A 201 -3.36 -4.42 25.78
C LEU A 201 -2.45 -3.63 26.71
N LEU A 202 -1.49 -2.89 26.16
CA LEU A 202 -0.60 -2.09 27.00
C LEU A 202 -1.37 -1.03 27.76
N VAL A 203 -2.42 -0.46 27.15
CA VAL A 203 -3.24 0.52 27.85
C VAL A 203 -3.95 -0.14 29.02
N ASN A 204 -4.60 -1.27 28.76
CA ASN A 204 -5.39 -1.95 29.79
C ASN A 204 -4.56 -2.84 30.69
N LEU A 205 -3.27 -3.02 30.41
CA LEU A 205 -2.44 -3.89 31.23
C LEU A 205 -2.39 -3.46 32.70
N PRO A 206 -2.24 -2.18 33.05
CA PRO A 206 -2.33 -1.81 34.48
C PRO A 206 -3.61 -2.30 35.16
N ARG A 207 -4.73 -2.31 34.44
CA ARG A 207 -6.00 -2.73 35.01
C ARG A 207 -6.05 -4.22 35.34
N LEU A 208 -5.12 -5.01 34.80
CA LEU A 208 -5.08 -6.43 35.08
C LEU A 208 -4.09 -6.79 36.19
N PHE A 209 -3.31 -5.82 36.65
CA PHE A 209 -2.41 -6.05 37.78
C PHE A 209 -3.10 -6.66 39.01
N PRO A 210 -4.29 -6.20 39.43
CA PRO A 210 -4.91 -6.80 40.62
C PRO A 210 -5.18 -8.28 40.48
N HIS A 211 -5.31 -8.80 39.26
CA HIS A 211 -5.75 -10.17 39.02
C HIS A 211 -4.63 -10.94 38.33
N GLY A 212 -4.23 -12.04 38.93
CA GLY A 212 -3.15 -12.84 38.38
C GLY A 212 -3.52 -13.53 37.08
N ALA A 213 -4.56 -14.37 37.13
CA ALA A 213 -4.94 -15.17 35.97
C ALA A 213 -5.23 -14.29 34.75
N SER A 214 -6.01 -13.23 34.94
CA SER A 214 -6.31 -12.33 33.83
C SER A 214 -5.04 -11.68 33.30
N LEU A 215 -4.17 -11.21 34.20
CA LEU A 215 -2.91 -10.60 33.78
C LEU A 215 -2.05 -11.59 33.00
N LEU A 216 -1.95 -12.83 33.47
CA LEU A 216 -1.21 -13.85 32.73
C LEU A 216 -1.77 -13.98 31.32
N LEU A 217 -3.10 -14.09 31.19
CA LEU A 217 -3.71 -14.21 29.88
C LEU A 217 -3.43 -12.99 29.02
N GLY A 218 -3.44 -11.80 29.62
CA GLY A 218 -3.07 -10.60 28.88
C GLY A 218 -1.64 -10.64 28.38
N LEU A 219 -0.73 -11.22 29.17
CA LEU A 219 0.67 -11.26 28.76
C LEU A 219 0.90 -12.25 27.63
N VAL A 220 0.19 -13.37 27.65
CA VAL A 220 0.30 -14.34 26.56
C VAL A 220 -0.22 -13.71 25.26
N LEU A 221 -1.37 -13.05 25.32
CA LEU A 221 -1.90 -12.38 24.14
C LEU A 221 -0.99 -11.24 23.69
N LEU A 222 -0.32 -10.58 24.63
CA LEU A 222 0.50 -9.42 24.29
C LEU A 222 1.79 -9.86 23.60
N LEU A 223 2.48 -10.84 24.17
CA LEU A 223 3.83 -11.19 23.73
C LEU A 223 3.88 -12.48 22.92
N GLY A 224 2.86 -13.34 23.01
CA GLY A 224 2.79 -14.54 22.21
C GLY A 224 3.02 -14.28 20.73
N PRO A 225 2.17 -13.44 20.12
CA PRO A 225 2.35 -13.15 18.69
C PRO A 225 3.69 -12.54 18.35
N TRP A 226 4.20 -11.63 19.20
CA TRP A 226 5.53 -11.09 18.95
C TRP A 226 6.57 -12.20 18.89
N ALA A 227 6.58 -13.08 19.91
CA ALA A 227 7.48 -14.22 19.88
C ALA A 227 7.29 -15.05 18.61
N ALA A 228 6.03 -15.25 18.20
CA ALA A 228 5.77 -16.02 16.99
C ALA A 228 6.32 -15.33 15.76
N GLY A 229 6.21 -13.99 15.69
CA GLY A 229 6.76 -13.27 14.57
C GLY A 229 8.27 -13.38 14.47
N LEU A 230 8.95 -13.21 15.61
CA LEU A 230 10.40 -13.38 15.63
C LEU A 230 10.80 -14.80 15.28
N TYR A 231 10.05 -15.78 15.77
CA TYR A 231 10.36 -17.18 15.48
C TYR A 231 10.24 -17.48 13.99
N LEU A 232 9.31 -16.83 13.30
CA LEU A 232 9.08 -17.07 11.88
C LEU A 232 9.84 -16.10 10.99
N LYS A 233 10.58 -15.15 11.56
CA LYS A 233 11.32 -14.19 10.76
C LYS A 233 12.42 -14.90 9.97
N GLY A 234 12.44 -14.67 8.67
CA GLY A 234 13.42 -15.29 7.80
C GLY A 234 13.09 -16.70 7.36
N HIS A 235 11.98 -17.25 7.83
CA HIS A 235 11.57 -18.57 7.36
C HIS A 235 11.12 -18.50 5.91
N ALA A 236 11.58 -19.46 5.11
CA ALA A 236 11.25 -19.52 3.69
C ALA A 236 10.13 -20.54 3.50
N TRP A 237 8.96 -20.05 3.08
CA TRP A 237 7.83 -20.90 2.74
C TRP A 237 7.85 -21.33 1.29
N THR A 238 8.77 -20.81 0.50
CA THR A 238 8.83 -21.07 -0.92
C THR A 238 10.21 -21.64 -1.28
N HIS A 239 10.25 -22.32 -2.42
CA HIS A 239 11.43 -23.04 -2.85
C HIS A 239 11.80 -22.57 -4.24
N SER A 240 13.07 -22.79 -4.60
CA SER A 240 13.54 -22.40 -5.92
C SER A 240 12.78 -23.18 -6.99
N ALA A 241 12.37 -22.47 -8.05
CA ALA A 241 11.67 -23.09 -9.16
C ALA A 241 12.55 -23.28 -10.39
N GLY A 242 13.76 -22.75 -10.38
CA GLY A 242 14.60 -22.83 -11.55
C GLY A 242 15.87 -22.01 -11.36
N GLU A 243 16.59 -21.88 -12.47
CA GLU A 243 17.88 -21.23 -12.46
C GLU A 243 17.70 -19.72 -12.36
N PRO A 244 18.62 -19.02 -11.69
CA PRO A 244 18.47 -17.58 -11.54
C PRO A 244 18.43 -16.87 -12.88
N LEU A 245 17.67 -15.79 -12.92
CA LEU A 245 17.56 -14.95 -14.10
C LEU A 245 18.43 -13.71 -13.92
N ARG A 246 19.24 -13.41 -14.93
CA ARG A 246 19.99 -12.17 -14.96
C ARG A 246 19.10 -11.06 -15.51
N VAL A 247 18.96 -9.98 -14.75
CA VAL A 247 17.99 -8.93 -15.03
C VAL A 247 18.72 -7.61 -15.21
N VAL A 248 18.35 -6.88 -16.25
CA VAL A 248 18.81 -5.52 -16.49
C VAL A 248 17.58 -4.61 -16.51
N ALA A 249 17.57 -3.60 -15.66
CA ALA A 249 16.53 -2.58 -15.65
C ALA A 249 17.15 -1.25 -16.05
N ILE A 250 16.42 -0.47 -16.84
CA ILE A 250 16.94 0.76 -17.42
C ILE A 250 16.14 1.94 -16.88
N GLN A 251 16.84 2.88 -16.25
CA GLN A 251 16.22 4.05 -15.61
C GLN A 251 16.71 5.30 -16.31
N GLY A 252 15.89 5.82 -17.21
CA GLY A 252 16.22 7.03 -17.93
C GLY A 252 15.42 8.20 -17.42
N ASN A 253 16.10 9.17 -16.80
CA ASN A 253 15.39 10.30 -16.21
C ASN A 253 14.82 11.22 -17.27
N ILE A 254 13.98 10.69 -18.16
CA ILE A 254 13.30 11.54 -19.13
C ILE A 254 12.45 12.49 -18.33
N ALA A 255 12.80 13.78 -18.36
CA ALA A 255 12.00 14.79 -17.68
C ALA A 255 10.55 14.63 -18.06
N GLN A 256 9.69 14.53 -17.04
CA GLN A 256 8.27 14.48 -17.30
C GLN A 256 7.82 15.79 -17.91
N GLU A 257 7.26 15.71 -19.12
CA GLU A 257 6.65 16.85 -19.79
C GLU A 257 5.18 16.52 -19.98
N LEU A 258 4.31 17.21 -19.22
CA LEU A 258 2.89 16.88 -19.28
C LEU A 258 2.30 17.22 -20.64
N LYS A 259 2.70 18.34 -21.22
CA LYS A 259 2.51 18.54 -22.65
C LYS A 259 3.54 17.69 -23.38
N TRP A 260 3.09 16.66 -24.07
CA TRP A 260 3.99 15.68 -24.67
C TRP A 260 4.22 16.02 -26.13
N ASP A 261 5.50 16.22 -26.48
CA ASP A 261 5.96 16.93 -27.65
C ASP A 261 6.82 16.04 -28.55
N PRO A 262 6.74 16.24 -29.87
CA PRO A 262 7.34 15.26 -30.81
C PRO A 262 8.83 15.04 -30.63
N ASN A 263 9.61 16.11 -30.46
CA ASN A 263 11.06 15.96 -30.47
C ASN A 263 11.58 15.24 -29.22
N GLN A 264 10.87 15.34 -28.10
CA GLN A 264 11.31 14.61 -26.91
C GLN A 264 10.89 13.14 -26.96
N VAL A 265 9.80 12.84 -27.68
CA VAL A 265 9.40 11.44 -27.83
C VAL A 265 10.52 10.64 -28.48
N ARG A 266 10.97 11.08 -29.66
CA ARG A 266 11.99 10.33 -30.40
C ARG A 266 13.26 10.13 -29.58
N ALA A 267 13.61 11.09 -28.72
CA ALA A 267 14.79 10.94 -27.88
C ALA A 267 14.59 9.91 -26.78
N GLN A 268 13.33 9.64 -26.41
CA GLN A 268 13.05 8.56 -25.48
C GLN A 268 13.26 7.21 -26.13
N LEU A 269 12.69 7.04 -27.31
CA LEU A 269 12.83 5.81 -28.05
C LEU A 269 14.28 5.51 -28.31
N ASP A 270 15.05 6.54 -28.63
CA ASP A 270 16.47 6.32 -28.90
C ASP A 270 17.29 6.16 -27.63
N LEU A 271 16.84 6.73 -26.50
CA LEU A 271 17.59 6.54 -25.27
C LEU A 271 17.49 5.11 -24.77
N TYR A 272 16.27 4.57 -24.69
CA TYR A 272 16.11 3.23 -24.13
C TYR A 272 16.76 2.19 -25.03
N ARG A 273 16.64 2.35 -26.35
CA ARG A 273 17.33 1.44 -27.26
C ARG A 273 18.84 1.47 -27.04
N ASP A 274 19.43 2.65 -27.16
CA ASP A 274 20.88 2.76 -27.06
C ASP A 274 21.43 2.21 -25.76
N LEU A 275 20.65 2.27 -24.67
CA LEU A 275 21.12 1.75 -23.40
C LEU A 275 21.03 0.24 -23.31
N SER A 276 20.13 -0.38 -24.09
CA SER A 276 19.89 -1.81 -23.96
C SER A 276 20.92 -2.62 -24.74
N LEU A 277 21.23 -2.20 -25.95
CA LEU A 277 22.12 -2.93 -26.86
C LEU A 277 23.45 -3.36 -26.26
N PRO A 278 24.20 -2.47 -25.64
CA PRO A 278 25.52 -2.87 -25.15
C PRO A 278 25.49 -3.89 -24.03
N GLN A 279 24.37 -4.05 -23.32
CA GLN A 279 24.36 -4.90 -22.15
C GLN A 279 24.63 -6.36 -22.52
N GLN A 280 25.72 -6.89 -21.97
CA GLN A 280 26.11 -8.27 -22.26
C GLN A 280 25.03 -9.23 -21.77
N ASP A 281 24.93 -10.36 -22.48
CA ASP A 281 23.70 -11.15 -22.50
C ASP A 281 23.14 -11.39 -21.12
N VAL A 282 21.84 -11.14 -20.98
CA VAL A 282 21.10 -11.35 -19.76
C VAL A 282 19.74 -11.91 -20.15
N ASP A 283 19.03 -12.40 -19.14
CA ASP A 283 17.77 -13.08 -19.42
C ASP A 283 16.61 -12.10 -19.58
N LEU A 284 16.63 -10.98 -18.86
CA LEU A 284 15.50 -10.05 -18.82
C LEU A 284 15.95 -8.61 -18.92
N ILE A 285 15.40 -7.88 -19.89
CA ILE A 285 15.52 -6.43 -19.96
C ILE A 285 14.17 -5.84 -19.62
N VAL A 286 14.14 -4.93 -18.66
CA VAL A 286 12.89 -4.36 -18.16
C VAL A 286 12.94 -2.85 -18.32
N TRP A 287 11.87 -2.28 -18.85
CA TRP A 287 11.69 -0.85 -18.99
C TRP A 287 10.51 -0.37 -18.15
N PRO A 288 10.57 0.84 -17.64
CA PRO A 288 9.56 1.29 -16.68
C PRO A 288 8.24 1.74 -17.30
N GLU A 289 7.46 2.46 -16.50
CA GLU A 289 6.08 2.81 -16.85
C GLU A 289 6.05 3.71 -18.07
N THR A 290 5.31 3.29 -19.10
CA THR A 290 5.21 4.02 -20.37
C THR A 290 6.60 4.39 -20.88
N ALA A 291 7.48 3.39 -20.94
CA ALA A 291 8.83 3.64 -21.38
C ALA A 291 8.86 4.03 -22.85
N VAL A 292 8.08 3.34 -23.67
CA VAL A 292 7.84 3.76 -25.06
C VAL A 292 6.56 4.59 -25.06
N PRO A 293 6.64 5.89 -25.39
CA PRO A 293 5.46 6.76 -25.27
C PRO A 293 4.46 6.62 -26.40
N ILE A 294 4.80 5.87 -27.44
CA ILE A 294 3.93 5.73 -28.59
C ILE A 294 2.82 4.73 -28.26
N LEU A 295 1.67 4.90 -28.91
CA LEU A 295 0.63 3.90 -28.82
C LEU A 295 1.16 2.54 -29.28
N GLN A 296 0.52 1.49 -28.81
CA GLN A 296 0.97 0.14 -29.13
C GLN A 296 0.79 -0.17 -30.61
N ASP A 297 -0.35 0.23 -31.19
CA ASP A 297 -0.60 -0.11 -32.58
C ASP A 297 0.34 0.65 -33.51
N MET A 298 0.68 1.89 -33.18
CA MET A 298 1.51 2.73 -34.04
C MET A 298 2.99 2.61 -33.73
N ALA A 299 3.40 1.65 -32.90
CA ALA A 299 4.80 1.44 -32.59
C ALA A 299 5.27 0.06 -33.04
N SER A 300 4.64 -0.49 -34.09
CA SER A 300 5.03 -1.80 -34.60
C SER A 300 6.49 -1.81 -35.04
N GLY A 301 6.93 -0.74 -35.71
CA GLY A 301 8.31 -0.69 -36.15
C GLY A 301 9.29 -0.66 -35.00
N TYR A 302 9.09 0.27 -34.05
CA TYR A 302 10.00 0.37 -32.92
C TYR A 302 9.93 -0.86 -32.04
N LEU A 303 8.73 -1.43 -31.93
CA LEU A 303 8.56 -2.61 -31.11
C LEU A 303 9.17 -3.81 -31.80
N GLY A 304 8.87 -3.97 -33.09
CA GLY A 304 9.38 -5.12 -33.83
C GLY A 304 10.90 -5.18 -33.88
N ALA A 305 11.55 -4.03 -34.09
CA ALA A 305 13.01 -4.01 -34.07
C ALA A 305 13.54 -4.39 -32.71
N MET A 306 12.89 -3.90 -31.65
CA MET A 306 13.37 -4.17 -30.29
C MET A 306 13.26 -5.64 -29.92
N GLY A 307 12.31 -6.36 -30.53
CA GLY A 307 12.23 -7.79 -30.30
C GLY A 307 13.41 -8.55 -30.85
N GLN A 308 13.79 -8.26 -32.10
CA GLN A 308 14.96 -8.93 -32.67
C GLN A 308 16.23 -8.59 -31.93
N VAL A 309 16.34 -7.37 -31.42
CA VAL A 309 17.51 -7.00 -30.61
C VAL A 309 17.56 -7.84 -29.36
N ALA A 310 16.39 -8.09 -28.74
CA ALA A 310 16.33 -8.98 -27.60
C ALA A 310 16.61 -10.42 -28.01
N ASP A 311 16.09 -10.83 -29.18
CA ASP A 311 16.32 -12.19 -29.66
C ASP A 311 17.81 -12.48 -29.86
N GLU A 312 18.54 -11.51 -30.43
CA GLU A 312 19.99 -11.66 -30.55
C GLU A 312 20.65 -11.81 -29.19
N LYS A 313 20.04 -11.28 -28.14
CA LYS A 313 20.55 -11.36 -26.78
C LYS A 313 19.85 -12.44 -25.96
N ASN A 314 19.20 -13.40 -26.60
CA ASN A 314 18.53 -14.53 -25.93
C ASN A 314 17.78 -14.05 -24.68
N ALA A 315 17.05 -12.94 -24.82
CA ALA A 315 16.48 -12.24 -23.68
C ALA A 315 15.05 -11.85 -23.98
N ALA A 316 14.33 -11.47 -22.93
CA ALA A 316 13.00 -10.88 -23.06
C ALA A 316 13.05 -9.42 -22.64
N LEU A 317 12.42 -8.56 -23.43
CA LEU A 317 12.28 -7.15 -23.10
C LEU A 317 10.87 -6.87 -22.61
N ILE A 318 10.76 -6.26 -21.44
CA ILE A 318 9.48 -5.97 -20.80
C ILE A 318 9.40 -4.46 -20.59
N THR A 319 8.39 -3.83 -21.20
CA THR A 319 8.29 -2.38 -21.17
C THR A 319 6.83 -1.96 -21.05
N GLY A 320 6.63 -0.77 -20.48
CA GLY A 320 5.31 -0.19 -20.40
C GLY A 320 5.02 0.66 -21.63
N VAL A 321 3.80 0.53 -22.14
CA VAL A 321 3.42 1.22 -23.37
C VAL A 321 1.94 1.60 -23.27
N PRO A 322 1.57 2.82 -23.63
CA PRO A 322 0.14 3.14 -23.70
C PRO A 322 -0.52 2.28 -24.77
N VAL A 323 -1.67 1.73 -24.42
CA VAL A 323 -2.38 0.82 -25.32
C VAL A 323 -3.72 1.42 -25.68
N ARG A 324 -4.09 1.29 -26.94
CA ARG A 324 -5.26 1.90 -27.52
C ARG A 324 -6.21 0.79 -27.97
N GLU A 325 -7.50 1.04 -27.94
CA GLU A 325 -8.47 0.05 -28.41
C GLU A 325 -9.45 0.77 -29.33
N ARG A 326 -9.44 0.41 -30.61
CA ARG A 326 -10.35 0.98 -31.58
C ARG A 326 -11.66 0.23 -31.52
N LEU A 327 -12.71 0.98 -31.23
CA LEU A 327 -14.04 0.44 -31.17
C LEU A 327 -14.62 0.39 -32.57
N ALA A 328 -15.80 -0.22 -32.65
CA ALA A 328 -16.52 -0.26 -33.90
C ALA A 328 -16.83 1.15 -34.41
N ASP A 329 -17.16 2.05 -33.49
CA ASP A 329 -17.60 3.42 -33.81
C ASP A 329 -16.53 4.45 -33.50
N GLY A 330 -15.87 4.98 -34.53
CA GLY A 330 -14.99 6.14 -34.35
C GLY A 330 -13.77 5.94 -33.45
N LYS A 331 -13.74 6.75 -32.38
CA LYS A 331 -12.58 7.00 -31.52
C LYS A 331 -12.21 5.82 -30.62
N SER A 332 -10.98 5.90 -30.12
CA SER A 332 -10.35 4.86 -29.33
C SER A 332 -10.65 5.00 -27.84
N ARG A 333 -9.95 4.18 -27.07
CA ARG A 333 -10.01 4.08 -25.62
C ARG A 333 -8.59 3.79 -25.19
N TYR A 334 -8.16 4.33 -24.06
CA TYR A 334 -6.76 4.13 -23.74
C TYR A 334 -6.57 3.35 -22.45
N PHE A 335 -5.39 2.73 -22.37
CA PHE A 335 -4.97 1.95 -21.23
C PHE A 335 -3.49 2.20 -20.98
N ASN A 336 -3.10 2.06 -19.71
CA ASN A 336 -1.69 2.08 -19.32
C ASN A 336 -1.28 0.62 -19.22
N GLY A 337 -0.55 0.14 -20.24
CA GLY A 337 -0.23 -1.25 -20.37
C GLY A 337 1.27 -1.50 -20.28
N ILE A 338 1.61 -2.78 -20.16
CA ILE A 338 2.99 -3.22 -20.31
C ILE A 338 3.00 -4.46 -21.19
N THR A 339 4.04 -4.60 -21.99
CA THR A 339 4.11 -5.70 -22.95
C THR A 339 5.51 -6.28 -22.98
N VAL A 340 5.61 -7.49 -23.51
CA VAL A 340 6.86 -8.23 -23.59
C VAL A 340 7.20 -8.48 -25.06
N VAL A 341 8.46 -8.24 -25.42
CA VAL A 341 8.99 -8.62 -26.72
C VAL A 341 10.26 -9.43 -26.50
N GLY A 342 10.69 -10.12 -27.54
CA GLY A 342 11.84 -10.99 -27.46
C GLY A 342 11.46 -12.38 -27.02
N GLU A 343 12.22 -12.96 -26.09
CA GLU A 343 11.96 -14.29 -25.57
C GLU A 343 10.81 -14.24 -24.57
N GLY A 344 9.63 -13.95 -25.08
CA GLY A 344 8.45 -13.85 -24.24
C GLY A 344 7.29 -13.27 -25.01
N ALA A 345 6.13 -13.23 -24.34
CA ALA A 345 4.92 -12.71 -24.98
C ALA A 345 3.97 -12.24 -23.89
N GLY A 346 2.97 -11.47 -24.33
CA GLY A 346 1.92 -11.01 -23.43
C GLY A 346 1.86 -9.50 -23.29
N THR A 347 0.67 -8.98 -23.03
CA THR A 347 0.46 -7.55 -22.77
C THR A 347 -0.57 -7.40 -21.66
N TYR A 348 -0.22 -6.63 -20.64
CA TYR A 348 -1.08 -6.45 -19.48
C TYR A 348 -1.60 -5.01 -19.43
N LEU A 349 -2.87 -4.84 -19.08
CA LEU A 349 -3.52 -3.53 -18.95
C LEU A 349 -3.85 -3.20 -17.50
N LYS A 350 -3.52 -1.99 -17.07
CA LYS A 350 -3.76 -1.57 -15.69
C LYS A 350 -5.23 -1.65 -15.32
N GLN A 351 -5.49 -2.14 -14.11
CA GLN A 351 -6.84 -2.28 -13.59
C GLN A 351 -7.22 -1.19 -12.61
N LYS A 352 -6.37 -0.94 -11.63
CA LYS A 352 -6.60 0.15 -10.70
C LYS A 352 -6.11 1.46 -11.30
N LEU A 353 -6.99 2.45 -11.38
CA LEU A 353 -6.64 3.77 -11.87
C LEU A 353 -6.70 4.79 -10.73
N VAL A 354 -5.73 5.70 -10.68
CA VAL A 354 -5.76 6.72 -9.63
C VAL A 354 -6.81 7.76 -9.98
N PRO A 355 -7.77 8.01 -9.10
CA PRO A 355 -8.78 9.03 -9.40
C PRO A 355 -8.13 10.40 -9.50
N PHE A 356 -8.54 11.15 -10.52
CA PHE A 356 -8.05 12.49 -10.86
C PHE A 356 -6.63 12.49 -11.40
N GLY A 357 -6.03 11.32 -11.61
CA GLY A 357 -4.71 11.26 -12.22
C GLY A 357 -4.79 10.63 -13.60
N GLU A 358 -5.46 9.48 -13.68
CA GLU A 358 -5.65 8.78 -14.94
C GLU A 358 -7.05 8.95 -15.50
N TYR A 359 -7.99 9.45 -14.70
CA TYR A 359 -9.37 9.64 -15.14
C TYR A 359 -10.03 10.62 -14.18
N VAL A 360 -11.21 11.10 -14.58
CA VAL A 360 -11.99 12.05 -13.78
C VAL A 360 -13.22 11.32 -13.25
N PRO A 361 -13.32 11.09 -11.93
CA PRO A 361 -14.42 10.23 -11.41
C PRO A 361 -15.81 10.75 -11.70
N LEU A 362 -16.04 12.06 -11.66
CA LEU A 362 -17.36 12.62 -11.97
C LEU A 362 -17.18 13.64 -13.09
N GLN A 363 -16.96 13.14 -14.31
CA GLN A 363 -16.49 14.01 -15.37
C GLN A 363 -17.56 15.00 -15.82
N ASP A 364 -18.84 14.63 -15.82
CA ASP A 364 -19.85 15.50 -16.40
C ASP A 364 -19.92 16.85 -15.70
N LEU A 365 -20.08 16.85 -14.38
CA LEU A 365 -20.05 18.11 -13.64
C LEU A 365 -18.66 18.71 -13.63
N LEU A 366 -17.66 17.91 -13.26
CA LEU A 366 -16.36 18.45 -12.90
C LEU A 366 -15.52 18.85 -14.11
N ARG A 367 -15.77 18.27 -15.29
CA ARG A 367 -14.94 18.55 -16.47
C ARG A 367 -14.74 20.04 -16.67
N GLY A 368 -15.85 20.79 -16.76
CA GLY A 368 -15.75 22.22 -16.94
C GLY A 368 -15.05 22.90 -15.78
N LEU A 369 -15.32 22.44 -14.56
CA LEU A 369 -14.66 23.01 -13.38
C LEU A 369 -13.15 22.78 -13.42
N ILE A 370 -12.73 21.55 -13.70
CA ILE A 370 -11.30 21.27 -13.79
C ILE A 370 -10.65 22.13 -14.87
N ALA A 371 -11.37 22.42 -15.95
CA ALA A 371 -10.78 23.14 -17.07
C ALA A 371 -10.59 24.61 -16.74
N PHE A 372 -11.50 25.22 -15.98
CA PHE A 372 -11.37 26.64 -15.69
C PHE A 372 -10.15 26.92 -14.81
N PHE A 373 -9.77 25.98 -13.95
CA PHE A 373 -8.60 26.14 -13.11
C PHE A 373 -7.35 25.58 -13.77
N ASP A 374 -7.44 25.27 -15.06
CA ASP A 374 -6.33 24.79 -15.85
C ASP A 374 -5.62 23.63 -15.17
N LEU A 375 -6.38 22.59 -14.91
CA LEU A 375 -5.82 21.43 -14.25
C LEU A 375 -5.76 20.26 -15.22
N PRO A 376 -4.67 19.49 -15.19
CA PRO A 376 -4.53 18.38 -16.14
C PRO A 376 -5.63 17.35 -15.98
N MET A 377 -5.99 16.73 -17.11
CA MET A 377 -7.00 15.69 -17.13
C MET A 377 -6.53 14.56 -18.03
N SER A 378 -7.06 13.36 -17.76
CA SER A 378 -6.66 12.16 -18.46
C SER A 378 -7.88 11.27 -18.64
N ASP A 379 -7.80 10.38 -19.63
CA ASP A 379 -8.91 9.48 -19.96
C ASP A 379 -8.36 8.08 -20.21
N PHE A 380 -7.85 7.46 -19.16
CA PHE A 380 -7.47 6.06 -19.23
C PHE A 380 -8.61 5.21 -18.67
N ALA A 381 -8.71 3.97 -19.16
CA ALA A 381 -9.79 3.07 -18.79
C ALA A 381 -9.24 1.85 -18.07
N ARG A 382 -10.12 1.17 -17.34
CA ARG A 382 -9.71 0.08 -16.46
C ARG A 382 -9.56 -1.22 -17.24
N GLY A 383 -8.51 -1.98 -16.89
CA GLY A 383 -8.28 -3.28 -17.48
C GLY A 383 -9.28 -4.32 -17.03
N PRO A 384 -9.41 -5.39 -17.80
CA PRO A 384 -10.43 -6.40 -17.50
C PRO A 384 -10.16 -7.12 -16.19
N ALA A 385 -11.22 -7.76 -15.68
CA ALA A 385 -11.16 -8.39 -14.36
C ALA A 385 -10.08 -9.46 -14.31
N ASP A 386 -10.08 -10.38 -15.27
CA ASP A 386 -9.14 -11.49 -15.29
C ASP A 386 -8.27 -11.39 -16.52
N GLN A 387 -6.98 -11.20 -16.30
CA GLN A 387 -5.99 -11.12 -17.36
C GLN A 387 -4.90 -12.17 -17.15
N PRO A 388 -4.30 -12.66 -18.22
CA PRO A 388 -3.20 -13.61 -18.06
C PRO A 388 -1.95 -12.92 -17.55
N LEU A 389 -1.05 -13.72 -16.99
CA LEU A 389 0.23 -13.19 -16.56
C LEU A 389 1.18 -13.07 -17.75
N LEU A 390 2.18 -12.22 -17.59
CA LEU A 390 3.20 -12.05 -18.62
C LEU A 390 4.13 -13.26 -18.63
N LYS A 391 4.53 -13.67 -19.82
CA LYS A 391 5.43 -14.80 -20.02
C LYS A 391 6.78 -14.29 -20.50
N ALA A 392 7.85 -14.80 -19.91
CA ALA A 392 9.21 -14.39 -20.26
C ALA A 392 10.15 -15.52 -19.90
N LYS A 393 10.78 -16.12 -20.92
CA LYS A 393 11.69 -17.26 -20.76
C LYS A 393 11.01 -18.40 -20.01
N GLY A 394 9.77 -18.71 -20.43
CA GLY A 394 9.06 -19.84 -19.89
C GLY A 394 8.58 -19.71 -18.46
N TYR A 395 8.55 -18.49 -17.92
CA TYR A 395 8.15 -18.25 -16.54
C TYR A 395 6.90 -17.37 -16.50
N GLN A 396 6.10 -17.57 -15.45
CA GLN A 396 4.89 -16.79 -15.22
C GLN A 396 5.26 -15.58 -14.37
N ILE A 397 5.18 -14.39 -14.96
CA ILE A 397 5.57 -13.15 -14.29
C ILE A 397 4.32 -12.34 -13.98
N ALA A 398 4.09 -12.08 -12.71
CA ALA A 398 2.91 -11.33 -12.30
C ALA A 398 3.15 -9.83 -12.48
N PRO A 399 2.31 -9.13 -13.23
CA PRO A 399 2.59 -7.72 -13.54
C PRO A 399 1.87 -6.75 -12.63
N TYR A 400 2.54 -5.68 -12.22
CA TYR A 400 1.93 -4.65 -11.40
C TYR A 400 2.35 -3.30 -11.95
N ILE A 401 1.38 -2.44 -12.25
CA ILE A 401 1.66 -1.12 -12.78
C ILE A 401 1.40 -0.09 -11.69
N CYS A 402 2.44 0.64 -11.33
CA CYS A 402 2.31 1.74 -10.41
C CYS A 402 1.68 1.31 -9.07
N TYR A 403 0.54 1.89 -8.68
CA TYR A 403 0.07 1.61 -7.32
C TYR A 403 -0.85 0.38 -7.23
N GLU A 404 -0.97 -0.43 -8.29
CA GLU A 404 -1.64 -1.73 -8.12
C GLU A 404 -0.95 -2.58 -7.06
N VAL A 405 0.36 -2.37 -6.88
CA VAL A 405 1.13 -3.02 -5.83
C VAL A 405 0.57 -2.71 -4.44
N VAL A 406 -0.21 -1.64 -4.32
CA VAL A 406 -0.70 -1.19 -3.02
C VAL A 406 -1.87 -2.04 -2.51
N TYR A 407 -2.61 -2.69 -3.41
CA TYR A 407 -3.80 -3.44 -3.02
C TYR A 407 -3.44 -4.87 -2.67
N PRO A 408 -3.46 -5.27 -1.40
CA PRO A 408 -2.85 -6.54 -1.00
C PRO A 408 -3.63 -7.76 -1.44
N GLU A 409 -4.95 -7.75 -1.25
CA GLU A 409 -5.77 -8.85 -1.71
C GLU A 409 -5.66 -9.02 -3.22
N PHE A 410 -5.77 -7.88 -3.93
CA PHE A 410 -5.62 -7.88 -5.38
C PHE A 410 -4.26 -8.41 -5.81
N ALA A 411 -3.19 -7.99 -5.14
CA ALA A 411 -1.85 -8.42 -5.50
C ALA A 411 -1.68 -9.92 -5.27
N ALA A 412 -2.28 -10.46 -4.22
CA ALA A 412 -2.11 -11.87 -3.88
C ALA A 412 -2.67 -12.79 -4.94
N ALA A 413 -3.75 -12.39 -5.62
CA ALA A 413 -4.33 -13.24 -6.65
C ALA A 413 -3.36 -13.41 -7.82
N LEU A 414 -2.70 -12.32 -8.24
CA LEU A 414 -1.71 -12.42 -9.30
C LEU A 414 -0.38 -12.95 -8.79
N ALA A 415 -0.03 -12.68 -7.53
CA ALA A 415 1.23 -13.17 -6.99
C ALA A 415 1.25 -14.69 -6.92
N ALA A 416 0.17 -15.28 -6.40
CA ALA A 416 -0.06 -16.70 -6.64
C ALA A 416 -0.16 -16.93 -8.14
N GLN A 417 0.04 -18.19 -8.55
CA GLN A 417 0.11 -18.56 -9.96
C GLN A 417 1.23 -17.81 -10.70
N SER A 418 2.32 -17.49 -10.00
CA SER A 418 3.48 -16.85 -10.61
C SER A 418 4.75 -17.41 -9.97
N GLN A 419 5.88 -17.19 -10.66
CA GLN A 419 7.18 -17.53 -10.10
C GLN A 419 8.06 -16.31 -9.85
N VAL A 420 7.67 -15.14 -10.35
CA VAL A 420 8.41 -13.90 -10.10
C VAL A 420 7.42 -12.74 -10.21
N LEU A 421 7.71 -11.66 -9.49
CA LEU A 421 6.84 -10.49 -9.45
C LEU A 421 7.51 -9.33 -10.17
N LEU A 422 6.73 -8.54 -10.90
CA LEU A 422 7.28 -7.43 -11.67
C LEU A 422 6.38 -6.22 -11.55
N THR A 423 6.97 -5.07 -11.25
CA THR A 423 6.23 -3.82 -11.29
C THR A 423 7.05 -2.75 -11.98
N VAL A 424 6.37 -1.96 -12.82
CA VAL A 424 6.91 -0.74 -13.40
C VAL A 424 6.02 0.40 -12.92
N SER A 425 6.65 1.48 -12.45
CA SER A 425 5.89 2.60 -11.92
C SER A 425 6.67 3.87 -12.17
N ASN A 426 5.95 4.98 -12.21
CA ASN A 426 6.56 6.29 -12.40
C ASN A 426 6.34 7.09 -11.11
N ASP A 427 7.38 7.20 -10.30
CA ASP A 427 7.36 8.03 -9.11
C ASP A 427 7.89 9.43 -9.36
N THR A 428 8.17 9.79 -10.62
CA THR A 428 8.68 11.13 -10.95
C THR A 428 7.81 12.22 -10.35
N TRP A 429 6.50 11.98 -10.27
CA TRP A 429 5.56 13.04 -9.95
C TRP A 429 5.82 13.63 -8.57
N PHE A 430 6.28 12.81 -7.63
CA PHE A 430 6.41 13.23 -6.24
C PHE A 430 7.83 13.61 -5.85
N GLY A 431 8.78 13.53 -6.77
CA GLY A 431 10.09 14.12 -6.57
C GLY A 431 10.84 13.57 -5.39
N THR A 432 11.30 14.48 -4.53
CA THR A 432 12.14 14.18 -3.38
C THR A 432 11.34 13.90 -2.12
N SER A 433 10.02 13.77 -2.21
CA SER A 433 9.20 13.57 -1.02
C SER A 433 9.28 12.12 -0.54
N ILE A 434 8.49 11.82 0.50
CA ILE A 434 8.51 10.49 1.11
C ILE A 434 7.52 9.54 0.46
N GLY A 435 6.73 10.02 -0.49
CA GLY A 435 5.82 9.19 -1.24
C GLY A 435 6.47 7.99 -1.90
N PRO A 436 7.50 8.22 -2.71
CA PRO A 436 8.15 7.08 -3.40
C PRO A 436 8.71 6.04 -2.46
N LEU A 437 9.25 6.48 -1.32
CA LEU A 437 9.77 5.53 -0.34
C LEU A 437 8.65 4.72 0.29
N GLN A 438 7.55 5.38 0.68
CA GLN A 438 6.38 4.64 1.18
C GLN A 438 5.85 3.69 0.12
N HIS A 439 5.74 4.18 -1.12
CA HIS A 439 5.29 3.35 -2.24
C HIS A 439 6.20 2.14 -2.41
N LEU A 440 7.51 2.38 -2.38
CA LEU A 440 8.47 1.29 -2.53
C LEU A 440 8.36 0.29 -1.38
N GLN A 441 8.21 0.79 -0.14
CA GLN A 441 8.12 -0.10 1.00
C GLN A 441 6.97 -1.09 0.85
N MET A 442 5.83 -0.61 0.36
CA MET A 442 4.68 -1.50 0.19
C MET A 442 4.94 -2.52 -0.90
N ALA A 443 5.82 -2.21 -1.85
CA ALA A 443 6.21 -3.18 -2.87
C ALA A 443 7.02 -4.32 -2.24
N GLN A 444 7.88 -4.01 -1.29
CA GLN A 444 8.65 -5.04 -0.61
C GLN A 444 7.76 -5.96 0.22
N MET A 445 6.68 -5.42 0.81
CA MET A 445 5.77 -6.25 1.59
C MET A 445 5.13 -7.30 0.71
N ARG A 446 4.79 -6.93 -0.54
CA ARG A 446 4.22 -7.90 -1.46
C ARG A 446 5.18 -9.06 -1.69
N ALA A 447 6.48 -8.78 -1.83
CA ALA A 447 7.45 -9.85 -1.96
C ALA A 447 7.49 -10.71 -0.70
N LEU A 448 7.38 -10.09 0.47
CA LEU A 448 7.45 -10.84 1.71
C LEU A 448 6.18 -11.67 1.94
N GLU A 449 5.01 -11.13 1.60
CA GLU A 449 3.79 -11.95 1.68
C GLU A 449 3.85 -13.10 0.69
N SER A 450 4.39 -12.86 -0.50
CA SER A 450 4.33 -13.82 -1.58
C SER A 450 5.49 -14.81 -1.60
N GLY A 451 6.55 -14.54 -0.85
CA GLY A 451 7.73 -15.39 -0.95
C GLY A 451 8.31 -15.44 -2.34
N ARG A 452 8.22 -14.35 -3.10
CA ARG A 452 8.73 -14.28 -4.44
C ARG A 452 9.62 -13.05 -4.60
N TRP A 453 10.47 -13.10 -5.63
CA TRP A 453 11.26 -11.95 -6.03
C TRP A 453 10.39 -10.94 -6.75
N MET A 454 10.67 -9.66 -6.54
CA MET A 454 9.99 -8.59 -7.26
C MET A 454 11.02 -7.74 -7.99
N ILE A 455 10.80 -7.53 -9.29
CA ILE A 455 11.57 -6.60 -10.10
C ILE A 455 10.81 -5.28 -10.14
N ARG A 456 11.47 -4.19 -9.75
CA ARG A 456 10.83 -2.88 -9.72
C ARG A 456 11.70 -1.93 -10.54
N ALA A 457 11.20 -1.54 -11.72
CA ALA A 457 11.84 -0.57 -12.58
C ALA A 457 11.01 0.71 -12.61
N THR A 458 11.69 1.83 -12.42
CA THR A 458 11.05 3.12 -12.29
C THR A 458 11.65 4.06 -13.31
N ASN A 459 10.87 5.04 -13.73
CA ASN A 459 11.43 6.01 -14.64
C ASN A 459 12.51 6.81 -13.97
N ASN A 460 12.43 6.99 -12.65
CA ASN A 460 13.45 7.76 -11.96
C ASN A 460 13.57 7.49 -10.47
N GLY A 461 12.66 6.72 -9.90
CA GLY A 461 12.70 6.61 -8.46
C GLY A 461 12.66 5.24 -7.81
N VAL A 462 13.78 4.82 -7.33
CA VAL A 462 14.09 3.56 -6.61
C VAL A 462 13.89 2.18 -7.20
N THR A 463 14.43 2.03 -8.37
CA THR A 463 14.51 0.77 -9.08
C THR A 463 15.30 -0.24 -8.31
N GLY A 464 14.81 -1.47 -8.24
CA GLY A 464 15.57 -2.42 -7.46
C GLY A 464 15.06 -3.83 -7.64
N LEU A 465 15.75 -4.75 -6.98
CA LEU A 465 15.40 -6.15 -6.98
C LEU A 465 15.15 -6.55 -5.53
N ILE A 466 14.00 -7.17 -5.28
CA ILE A 466 13.54 -7.47 -3.93
C ILE A 466 13.51 -8.99 -3.79
N ASP A 467 14.24 -9.50 -2.79
CA ASP A 467 14.25 -10.92 -2.51
C ASP A 467 12.93 -11.32 -1.82
N PRO A 468 12.66 -12.62 -1.70
CA PRO A 468 11.37 -13.05 -1.12
C PRO A 468 11.17 -12.66 0.35
N TYR A 469 12.17 -12.11 1.02
CA TYR A 469 12.01 -11.63 2.39
C TYR A 469 11.72 -10.13 2.44
N GLY A 470 11.43 -9.52 1.30
CA GLY A 470 11.18 -8.09 1.22
C GLY A 470 12.41 -7.22 1.31
N ARG A 471 13.60 -7.80 1.28
CA ARG A 471 14.82 -7.03 1.42
C ARG A 471 15.31 -6.58 0.05
N ILE A 472 15.73 -5.31 -0.04
CA ILE A 472 16.24 -4.76 -1.28
C ILE A 472 17.69 -5.21 -1.42
N VAL A 473 17.93 -6.21 -2.27
CA VAL A 473 19.27 -6.72 -2.44
C VAL A 473 20.08 -5.86 -3.41
N ARG A 474 19.42 -5.26 -4.42
CA ARG A 474 20.12 -4.49 -5.43
C ARG A 474 19.28 -3.28 -5.80
N GLN A 475 19.91 -2.11 -5.87
CA GLN A 475 19.21 -0.88 -6.24
C GLN A 475 20.23 0.12 -6.76
N ILE A 476 19.72 1.17 -7.42
CA ILE A 476 20.56 2.22 -7.97
C ILE A 476 20.01 3.56 -7.52
N PRO A 477 20.84 4.62 -7.53
CA PRO A 477 20.39 5.91 -7.00
C PRO A 477 19.27 6.50 -7.84
N GLN A 478 18.30 7.11 -7.16
CA GLN A 478 17.24 7.82 -7.86
C GLN A 478 17.78 9.15 -8.41
N PHE A 479 16.98 9.77 -9.27
CA PHE A 479 17.21 11.10 -9.83
C PHE A 479 18.40 11.17 -10.78
N GLN A 480 18.95 10.04 -11.23
CA GLN A 480 19.97 10.10 -12.25
C GLN A 480 19.84 8.89 -13.17
N GLN A 481 20.22 9.10 -14.43
CA GLN A 481 20.18 8.05 -15.43
C GLN A 481 21.10 6.90 -15.03
N GLY A 482 20.59 5.68 -15.10
CA GLY A 482 21.37 4.55 -14.63
C GLY A 482 20.80 3.23 -15.11
N ILE A 483 21.61 2.18 -14.93
CA ILE A 483 21.24 0.82 -15.28
C ILE A 483 21.50 -0.07 -14.07
N LEU A 484 20.54 -0.94 -13.78
CA LEU A 484 20.63 -1.88 -12.67
C LEU A 484 20.86 -3.27 -13.24
N ARG A 485 21.97 -3.89 -12.84
CA ARG A 485 22.29 -5.27 -13.19
C ARG A 485 22.14 -6.13 -11.95
N GLY A 486 21.42 -7.25 -12.07
CA GLY A 486 21.23 -8.09 -10.91
C GLY A 486 20.60 -9.41 -11.28
N GLU A 487 20.56 -10.30 -10.27
CA GLU A 487 20.08 -11.66 -10.43
C GLU A 487 18.89 -11.90 -9.50
N VAL A 488 17.80 -12.45 -10.06
CA VAL A 488 16.63 -12.84 -9.30
C VAL A 488 16.34 -14.30 -9.58
N ILE A 489 15.78 -14.98 -8.59
CA ILE A 489 15.59 -16.43 -8.62
C ILE A 489 14.11 -16.73 -8.75
N PRO A 490 13.69 -17.55 -9.72
CA PRO A 490 12.29 -17.93 -9.79
C PRO A 490 11.91 -18.77 -8.58
N MET A 491 10.68 -18.56 -8.11
CA MET A 491 10.23 -19.16 -6.86
C MET A 491 8.95 -19.97 -7.09
N GLN A 492 8.88 -21.10 -6.38
CA GLN A 492 7.73 -21.99 -6.39
C GLN A 492 7.22 -22.17 -4.97
N GLY A 493 5.97 -22.62 -4.86
CA GLY A 493 5.37 -22.86 -3.57
C GLY A 493 4.51 -21.70 -3.10
N LEU A 494 3.60 -21.99 -2.18
CA LEU A 494 2.62 -21.02 -1.73
C LEU A 494 2.84 -20.66 -0.27
N THR A 495 2.90 -19.35 0.00
CA THR A 495 2.90 -18.88 1.37
C THR A 495 1.54 -19.12 1.99
N PRO A 496 1.47 -19.17 3.33
CA PRO A 496 0.16 -19.33 3.98
C PRO A 496 -0.80 -18.20 3.65
N TYR A 497 -0.29 -16.96 3.55
CA TYR A 497 -1.16 -15.85 3.19
C TYR A 497 -1.74 -16.04 1.79
N LEU A 498 -0.91 -16.47 0.83
CA LEU A 498 -1.42 -16.72 -0.50
C LEU A 498 -2.31 -17.96 -0.55
N GLN A 499 -2.19 -18.84 0.43
CA GLN A 499 -3.03 -20.03 0.46
C GLN A 499 -4.44 -19.70 0.96
N TYR A 500 -4.54 -19.00 2.09
CA TYR A 500 -5.83 -18.74 2.72
C TYR A 500 -6.30 -17.29 2.63
N ARG A 501 -5.39 -16.35 2.40
CA ARG A 501 -5.71 -14.91 2.28
C ARG A 501 -6.26 -14.42 3.61
N VAL A 502 -7.16 -13.43 3.56
CA VAL A 502 -7.62 -12.71 4.74
C VAL A 502 -8.62 -13.54 5.57
N TRP A 503 -9.41 -14.39 4.91
CA TRP A 503 -10.56 -15.05 5.53
C TRP A 503 -10.34 -15.63 6.92
N PRO A 504 -9.26 -16.40 7.19
CA PRO A 504 -9.08 -16.88 8.58
C PRO A 504 -9.03 -15.75 9.59
N LEU A 505 -8.23 -14.72 9.33
CA LEU A 505 -8.20 -13.57 10.23
C LEU A 505 -9.51 -12.79 10.18
N ALA A 506 -10.07 -12.61 8.99
CA ALA A 506 -11.30 -11.83 8.87
C ALA A 506 -12.44 -12.48 9.63
N GLY A 507 -12.56 -13.81 9.55
CA GLY A 507 -13.58 -14.50 10.32
C GLY A 507 -13.37 -14.35 11.80
N LEU A 508 -12.12 -14.48 12.26
CA LEU A 508 -11.82 -14.23 13.66
C LEU A 508 -12.23 -12.82 14.06
N ALA A 509 -11.95 -11.84 13.21
CA ALA A 509 -12.32 -10.46 13.51
C ALA A 509 -13.84 -10.31 13.59
N GLY A 510 -14.56 -10.92 12.64
CA GLY A 510 -16.01 -10.83 12.68
C GLY A 510 -16.59 -11.41 13.96
N VAL A 511 -16.05 -12.53 14.41
CA VAL A 511 -16.47 -13.11 15.68
C VAL A 511 -16.23 -12.11 16.81
N LEU A 512 -15.02 -11.56 16.88
CA LEU A 512 -14.70 -10.61 17.95
C LEU A 512 -15.59 -9.38 17.88
N LEU A 513 -15.91 -8.91 16.67
CA LEU A 513 -16.81 -7.76 16.56
C LEU A 513 -18.23 -8.14 16.96
N LEU A 514 -18.67 -9.33 16.57
CA LEU A 514 -20.02 -9.77 16.92
C LEU A 514 -20.15 -10.01 18.41
N TRP A 515 -19.13 -10.64 19.01
CA TRP A 515 -19.09 -10.80 20.45
C TRP A 515 -19.20 -9.46 21.15
N ALA A 516 -18.34 -8.51 20.78
CA ALA A 516 -18.35 -7.20 21.43
C ALA A 516 -19.69 -6.50 21.24
N LEU A 517 -20.21 -6.50 20.02
CA LEU A 517 -21.47 -5.83 19.74
C LEU A 517 -22.59 -6.39 20.62
N LEU A 518 -22.69 -7.71 20.69
CA LEU A 518 -23.72 -8.32 21.54
C LEU A 518 -23.36 -8.15 23.01
N GLY A 519 -22.10 -8.43 23.38
CA GLY A 519 -21.72 -8.43 24.79
C GLY A 519 -21.83 -7.07 25.46
N ARG A 520 -21.73 -5.99 24.68
CA ARG A 520 -21.82 -4.66 25.27
C ARG A 520 -23.20 -4.42 25.88
N GLN A 521 -24.24 -4.95 25.26
CA GLN A 521 -25.61 -4.76 25.72
C GLN A 521 -26.16 -5.94 26.51
N LEU A 522 -25.34 -6.93 26.81
CA LEU A 522 -25.80 -8.09 27.54
C LEU A 522 -25.82 -7.93 29.02
N ARG A 523 -26.93 -8.30 29.62
CA ARG A 523 -27.07 -8.22 31.06
C ARG A 523 -25.96 -9.03 31.75
N PRO A 524 -25.23 -8.45 32.69
CA PRO A 524 -24.14 -9.20 33.37
C PRO A 524 -24.61 -10.02 34.57
N GLN A 525 -25.35 -11.10 34.28
CA GLN A 525 -25.80 -12.07 35.29
C GLN A 525 -26.57 -11.42 36.42
N GLU A 526 -27.18 -10.27 36.14
CA GLU A 526 -28.36 -9.80 36.87
C GLU A 526 -29.53 -9.87 35.90
N ARG A 527 -29.93 -11.11 35.62
CA ARG A 527 -30.85 -11.39 34.53
C ARG A 527 -32.29 -11.13 34.97
N ARG A 528 -33.10 -10.72 34.00
CA ARG A 528 -34.52 -10.48 34.23
C ARG A 528 -35.35 -11.75 34.07
N LEU A 529 -34.74 -12.88 33.73
CA LEU A 529 -35.46 -14.12 33.57
C LEU A 529 -34.65 -15.31 34.08
#